data_1NHG
#
_entry.id   1NHG
#
_cell.length_a   133.082
_cell.length_b   133.082
_cell.length_c   84.157
_cell.angle_alpha   90.00
_cell.angle_beta   90.00
_cell.angle_gamma   90.00
#
_symmetry.space_group_name_H-M   'P 43 21 2'
#
loop_
_entity.id
_entity.type
_entity.pdbx_description
1 polymer 'enoyl-acyl carrier reductase'
2 polymer 'enoyl-acyl carrier reductase'
3 non-polymer NICOTINAMIDE-ADENINE-DINUCLEOTIDE
4 non-polymer TRICLOSAN
#
loop_
_entity_poly.entity_id
_entity_poly.type
_entity_poly.pdbx_seq_one_letter_code
_entity_poly.pdbx_strand_id
1 'polypeptide(L)'
;EDICFIAGIGDTNGYGWGIAKELSKRNVKIIFGIWPPVYNIFMKNYKNGKFDNDMIIDKDKKMNILDMLPFDASFDTAND
IDEETKNNKRYNMLQNYTIEDVANLIHQKYGKINMLVHSLANAKEVQKDLLNTSRKGYLDALSKSSYSLISLCKYFVNIM
KPQSSIISLTYHASQKVVPGYGGGMSSAKAALESDTRVLAYHLGRNYNIRINTISAGPLKSRAATAINK
;
A,B
2 'polypeptide(L)' YTFIDYAIEYSEKYAPLRQKLLSTDIGSVASFLLSRESRAITGQTIYVDNGLNIMFLPDD C,D
#
# COMPACT_ATOMS: atom_id res chain seq x y z
N GLU A 1 13.50 -11.71 -16.20
CA GLU A 1 14.74 -11.21 -15.54
C GLU A 1 14.60 -9.81 -14.96
N ASP A 2 14.40 -9.74 -13.65
CA ASP A 2 14.25 -8.46 -12.97
C ASP A 2 15.59 -7.96 -12.42
N ILE A 3 15.92 -6.71 -12.72
CA ILE A 3 17.14 -6.09 -12.24
C ILE A 3 16.72 -4.81 -11.50
N CYS A 4 17.23 -4.63 -10.29
CA CYS A 4 16.90 -3.45 -9.51
C CYS A 4 18.13 -2.68 -9.08
N PHE A 5 18.14 -1.39 -9.35
CA PHE A 5 19.25 -0.56 -8.96
C PHE A 5 18.82 0.13 -7.66
N ILE A 6 19.63 -0.01 -6.62
CA ILE A 6 19.30 0.60 -5.34
C ILE A 6 20.36 1.65 -5.08
N ALA A 7 19.92 2.91 -5.10
CA ALA A 7 20.83 4.04 -4.86
C ALA A 7 20.73 4.47 -3.41
N GLY A 8 21.83 4.33 -2.68
CA GLY A 8 21.81 4.74 -1.28
C GLY A 8 22.13 3.65 -0.27
N ILE A 9 23.12 2.83 -0.56
CA ILE A 9 23.53 1.79 0.36
C ILE A 9 24.94 2.12 0.84
N GLY A 10 25.14 2.07 2.15
CA GLY A 10 26.44 2.36 2.71
C GLY A 10 26.83 1.31 3.74
N ASP A 11 25.89 0.44 4.04
CA ASP A 11 26.13 -0.61 5.02
C ASP A 11 24.89 -1.49 5.07
N THR A 12 24.79 -2.33 6.09
CA THR A 12 23.67 -3.24 6.22
C THR A 12 22.69 -2.83 7.31
N ASN A 13 22.81 -1.60 7.80
CA ASN A 13 21.93 -1.16 8.87
C ASN A 13 20.83 -0.20 8.41
N GLY A 14 20.80 0.09 7.12
CA GLY A 14 19.79 1.00 6.61
C GLY A 14 18.65 0.28 5.91
N TYR A 15 17.72 1.07 5.39
CA TYR A 15 16.57 0.53 4.68
C TYR A 15 16.98 -0.05 3.32
N GLY A 16 18.00 0.54 2.72
CA GLY A 16 18.47 0.06 1.44
C GLY A 16 18.73 -1.43 1.49
N TRP A 17 19.41 -1.86 2.54
CA TRP A 17 19.72 -3.28 2.73
C TRP A 17 18.47 -4.11 2.96
N GLY A 18 17.54 -3.59 3.76
CA GLY A 18 16.31 -4.32 4.01
C GLY A 18 15.54 -4.55 2.72
N ILE A 19 15.60 -3.58 1.83
CA ILE A 19 14.93 -3.67 0.55
C ILE A 19 15.63 -4.69 -0.35
N ALA A 20 16.95 -4.64 -0.36
CA ALA A 20 17.72 -5.56 -1.18
C ALA A 20 17.53 -6.99 -0.68
N LYS A 21 17.46 -7.15 0.63
CA LYS A 21 17.28 -8.45 1.23
C LYS A 21 15.95 -9.08 0.82
N GLU A 22 14.88 -8.29 0.84
CA GLU A 22 13.56 -8.79 0.46
C GLU A 22 13.40 -9.01 -1.05
N LEU A 23 14.06 -8.16 -1.84
CA LEU A 23 13.97 -8.31 -3.29
C LEU A 23 14.64 -9.60 -3.75
N SER A 24 15.80 -9.93 -3.18
CA SER A 24 16.47 -11.16 -3.58
C SER A 24 15.70 -12.41 -3.15
N LYS A 25 14.82 -12.26 -2.18
CA LYS A 25 13.99 -13.39 -1.76
C LYS A 25 13.19 -13.81 -3.00
N ARG A 26 12.85 -12.82 -3.83
CA ARG A 26 12.08 -13.05 -5.05
C ARG A 26 12.96 -13.18 -6.29
N ASN A 27 14.24 -13.47 -6.06
CA ASN A 27 15.21 -13.64 -7.14
C ASN A 27 15.40 -12.47 -8.10
N VAL A 28 15.46 -11.24 -7.58
CA VAL A 28 15.68 -10.12 -8.49
C VAL A 28 17.16 -9.77 -8.36
N LYS A 29 17.81 -9.51 -9.49
CA LYS A 29 19.22 -9.16 -9.47
C LYS A 29 19.36 -7.78 -8.89
N ILE A 30 20.33 -7.60 -7.99
CA ILE A 30 20.52 -6.31 -7.33
C ILE A 30 21.83 -5.61 -7.68
N ILE A 31 21.75 -4.31 -7.95
CA ILE A 31 22.91 -3.49 -8.24
C ILE A 31 22.93 -2.37 -7.21
N PHE A 32 24.03 -2.24 -6.47
CA PHE A 32 24.11 -1.19 -5.46
C PHE A 32 24.74 0.09 -5.97
N GLY A 33 24.24 1.22 -5.47
CA GLY A 33 24.79 2.52 -5.83
C GLY A 33 25.39 3.03 -4.52
N ILE A 34 26.71 3.09 -4.45
CA ILE A 34 27.39 3.50 -3.24
C ILE A 34 28.03 4.88 -3.33
N TRP A 35 27.71 5.72 -2.36
CA TRP A 35 28.24 7.07 -2.28
C TRP A 35 29.78 6.98 -2.22
N PRO A 36 30.48 7.55 -3.22
CA PRO A 36 31.94 7.51 -3.29
C PRO A 36 32.71 7.55 -1.97
N PRO A 37 32.42 8.54 -1.10
CA PRO A 37 33.11 8.65 0.20
C PRO A 37 33.23 7.37 1.03
N VAL A 38 32.24 6.48 0.92
CA VAL A 38 32.26 5.23 1.68
C VAL A 38 32.34 3.99 0.80
N TYR A 39 32.59 4.18 -0.50
CA TYR A 39 32.69 3.06 -1.43
C TYR A 39 33.83 2.09 -1.11
N ASN A 40 35.04 2.61 -0.93
CA ASN A 40 36.19 1.77 -0.62
C ASN A 40 36.00 1.01 0.69
N ILE A 41 35.61 1.73 1.73
CA ILE A 41 35.41 1.09 3.02
C ILE A 41 34.32 0.03 2.90
N PHE A 42 33.37 0.26 2.01
CA PHE A 42 32.28 -0.72 1.82
C PHE A 42 32.82 -1.99 1.15
N MET A 43 33.60 -1.82 0.09
CA MET A 43 34.19 -2.94 -0.63
C MET A 43 35.11 -3.73 0.28
N LYS A 44 35.84 -3.02 1.14
CA LYS A 44 36.76 -3.65 2.07
C LYS A 44 35.98 -4.56 3.01
N ASN A 45 34.91 -4.04 3.60
CA ASN A 45 34.08 -4.81 4.52
C ASN A 45 33.43 -6.01 3.83
N TYR A 46 32.99 -5.80 2.59
CA TYR A 46 32.35 -6.86 1.81
C TYR A 46 33.35 -7.96 1.51
N LYS A 47 34.55 -7.56 1.10
CA LYS A 47 35.63 -8.48 0.75
C LYS A 47 36.11 -9.31 1.94
N ASN A 48 36.19 -8.69 3.12
CA ASN A 48 36.64 -9.38 4.33
C ASN A 48 35.54 -10.19 5.01
N GLY A 49 34.42 -10.39 4.32
CA GLY A 49 33.32 -11.16 4.85
C GLY A 49 32.45 -10.54 5.95
N LYS A 50 32.66 -9.26 6.25
CA LYS A 50 31.87 -8.61 7.30
C LYS A 50 30.35 -8.67 7.10
N PHE A 51 29.92 -8.89 5.87
CA PHE A 51 28.49 -8.93 5.58
C PHE A 51 27.95 -10.33 5.27
N ASP A 52 28.79 -11.35 5.37
CA ASP A 52 28.35 -12.71 5.05
C ASP A 52 27.08 -13.17 5.77
N ASN A 53 26.98 -12.90 7.06
CA ASN A 53 25.80 -13.31 7.82
C ASN A 53 24.57 -12.53 7.38
N ASP A 54 24.76 -11.25 7.11
CA ASP A 54 23.65 -10.39 6.70
C ASP A 54 23.13 -10.70 5.30
N MET A 55 23.88 -11.49 4.53
CA MET A 55 23.47 -11.85 3.17
C MET A 55 22.68 -13.15 3.07
N ILE A 56 22.56 -13.86 4.18
CA ILE A 56 21.82 -15.12 4.17
C ILE A 56 20.32 -14.89 4.17
N ILE A 57 19.66 -15.37 3.11
CA ILE A 57 18.23 -15.24 2.98
C ILE A 57 17.53 -16.37 3.73
N ASP A 58 16.39 -16.05 4.33
CA ASP A 58 15.61 -17.00 5.11
C ASP A 58 15.53 -18.38 4.46
N LYS A 59 15.09 -18.43 3.22
CA LYS A 59 14.94 -19.68 2.49
C LYS A 59 16.25 -20.45 2.33
N ASP A 60 17.27 -20.05 3.10
CA ASP A 60 18.57 -20.73 3.06
C ASP A 60 19.25 -20.53 1.70
N LYS A 61 19.47 -19.27 1.36
CA LYS A 61 20.13 -18.89 0.10
C LYS A 61 21.07 -17.72 0.36
N LYS A 62 21.88 -17.40 -0.63
CA LYS A 62 22.83 -16.29 -0.54
C LYS A 62 22.24 -15.12 -1.32
N MET A 63 22.29 -13.93 -0.73
CA MET A 63 21.79 -12.75 -1.42
C MET A 63 22.71 -12.56 -2.63
N ASN A 64 22.12 -12.39 -3.81
CA ASN A 64 22.93 -12.22 -5.01
C ASN A 64 23.05 -10.80 -5.53
N ILE A 65 24.23 -10.23 -5.34
CA ILE A 65 24.51 -8.87 -5.78
C ILE A 65 25.17 -8.90 -7.15
N LEU A 66 24.46 -8.39 -8.15
CA LEU A 66 24.95 -8.35 -9.51
C LEU A 66 26.19 -7.46 -9.64
N ASP A 67 26.16 -6.28 -9.02
CA ASP A 67 27.29 -5.36 -9.08
C ASP A 67 27.16 -4.28 -8.02
N MET A 68 28.26 -3.58 -7.76
CA MET A 68 28.30 -2.51 -6.78
C MET A 68 29.08 -1.38 -7.44
N LEU A 69 28.41 -0.25 -7.64
CA LEU A 69 29.03 0.89 -8.31
C LEU A 69 29.04 2.19 -7.53
N PRO A 70 30.12 2.97 -7.67
CA PRO A 70 30.21 4.25 -6.96
C PRO A 70 29.13 5.13 -7.60
N PHE A 71 28.46 5.92 -6.78
CA PHE A 71 27.36 6.75 -7.27
C PHE A 71 27.11 7.95 -6.38
N ASP A 72 27.10 9.15 -6.96
CA ASP A 72 26.84 10.36 -6.19
C ASP A 72 25.62 11.06 -6.77
N ALA A 73 24.57 11.17 -5.97
CA ALA A 73 23.31 11.78 -6.40
C ALA A 73 23.36 13.29 -6.58
N SER A 74 24.48 13.91 -6.22
CA SER A 74 24.59 15.36 -6.35
C SER A 74 25.16 15.81 -7.70
N PHE A 75 25.50 14.86 -8.57
CA PHE A 75 26.05 15.16 -9.88
C PHE A 75 25.24 14.50 -10.96
N ASP A 76 24.68 15.29 -11.86
CA ASP A 76 23.86 14.75 -12.95
C ASP A 76 24.70 14.20 -14.10
N THR A 77 25.66 15.00 -14.56
CA THR A 77 26.52 14.60 -15.65
C THR A 77 27.99 14.86 -15.35
N ALA A 78 28.85 14.39 -16.24
CA ALA A 78 30.29 14.56 -16.09
C ALA A 78 30.73 16.00 -15.89
N ASN A 79 30.14 16.94 -16.63
CA ASN A 79 30.55 18.33 -16.48
C ASN A 79 30.03 19.05 -15.23
N ASP A 80 29.27 18.34 -14.39
CA ASP A 80 28.75 18.96 -13.17
C ASP A 80 29.71 18.79 -12.01
N ILE A 81 30.75 18.00 -12.21
CA ILE A 81 31.71 17.76 -11.15
C ILE A 81 32.71 18.90 -10.96
N ASP A 82 32.65 19.54 -9.79
CA ASP A 82 33.53 20.65 -9.45
C ASP A 82 34.96 20.14 -9.26
N GLU A 83 35.92 21.02 -9.48
CA GLU A 83 37.33 20.67 -9.37
C GLU A 83 37.78 20.27 -7.96
N GLU A 84 37.12 20.81 -6.94
CA GLU A 84 37.49 20.47 -5.56
C GLU A 84 37.26 18.99 -5.30
N THR A 85 36.08 18.49 -5.65
CA THR A 85 35.76 17.07 -5.45
C THR A 85 36.45 16.26 -6.54
N LYS A 86 36.58 16.87 -7.72
CA LYS A 86 37.21 16.24 -8.86
C LYS A 86 38.60 15.74 -8.48
N ASN A 87 39.21 16.38 -7.49
CA ASN A 87 40.54 16.01 -7.02
C ASN A 87 40.51 15.54 -5.58
N ASN A 88 39.31 15.33 -5.04
CA ASN A 88 39.16 14.87 -3.68
C ASN A 88 39.83 13.52 -3.49
N LYS A 89 40.32 13.28 -2.28
CA LYS A 89 40.99 12.04 -1.93
C LYS A 89 40.19 10.78 -2.30
N ARG A 90 38.90 10.79 -1.96
CA ARG A 90 38.02 9.65 -2.21
C ARG A 90 37.46 9.50 -3.62
N TYR A 91 37.55 10.54 -4.45
CA TYR A 91 37.01 10.45 -5.80
C TYR A 91 38.03 10.14 -6.89
N ASN A 92 39.27 10.57 -6.69
CA ASN A 92 40.36 10.36 -7.65
C ASN A 92 40.40 8.99 -8.32
N MET A 93 40.54 7.95 -7.52
CA MET A 93 40.62 6.60 -8.05
C MET A 93 39.27 6.04 -8.52
N LEU A 94 38.27 6.89 -8.64
CA LEU A 94 36.93 6.47 -9.08
C LEU A 94 36.50 7.26 -10.30
N GLN A 95 35.55 6.72 -11.06
CA GLN A 95 35.06 7.38 -12.26
C GLN A 95 33.64 6.93 -12.59
N ASN A 96 33.01 7.62 -13.54
CA ASN A 96 31.65 7.29 -13.96
C ASN A 96 30.65 7.16 -12.82
N TYR A 97 30.73 8.08 -11.86
CA TYR A 97 29.82 8.03 -10.72
C TYR A 97 28.71 9.07 -10.73
N THR A 98 28.48 9.72 -11.87
CA THR A 98 27.41 10.71 -11.95
C THR A 98 26.15 9.93 -12.32
N ILE A 99 24.98 10.56 -12.18
CA ILE A 99 23.72 9.91 -12.48
C ILE A 99 23.66 9.38 -13.91
N GLU A 100 24.01 10.21 -14.89
CA GLU A 100 23.99 9.77 -16.27
C GLU A 100 25.04 8.68 -16.54
N ASP A 101 26.19 8.79 -15.90
CA ASP A 101 27.24 7.81 -16.10
C ASP A 101 26.88 6.42 -15.60
N VAL A 102 26.31 6.32 -14.40
CA VAL A 102 25.97 4.98 -13.92
C VAL A 102 24.83 4.42 -14.77
N ALA A 103 23.98 5.31 -15.30
CA ALA A 103 22.87 4.88 -16.15
C ALA A 103 23.44 4.23 -17.40
N ASN A 104 24.44 4.87 -18.00
CA ASN A 104 25.09 4.33 -19.20
C ASN A 104 25.88 3.09 -18.85
N LEU A 105 26.58 3.13 -17.72
CA LEU A 105 27.41 2.03 -17.22
C LEU A 105 26.53 0.77 -17.06
N ILE A 106 25.44 0.90 -16.31
CA ILE A 106 24.53 -0.21 -16.09
C ILE A 106 23.97 -0.73 -17.42
N HIS A 107 23.50 0.18 -18.26
CA HIS A 107 22.94 -0.20 -19.55
C HIS A 107 23.97 -0.92 -20.43
N GLN A 108 25.20 -0.44 -20.40
CA GLN A 108 26.26 -1.04 -21.20
C GLN A 108 26.60 -2.45 -20.74
N LYS A 109 26.52 -2.69 -19.44
CA LYS A 109 26.85 -4.00 -18.89
C LYS A 109 25.71 -4.99 -18.72
N TYR A 110 24.52 -4.50 -18.39
CA TYR A 110 23.41 -5.42 -18.12
C TYR A 110 22.11 -5.23 -18.89
N GLY A 111 22.07 -4.25 -19.78
CA GLY A 111 20.84 -4.03 -20.52
C GLY A 111 19.87 -3.14 -19.79
N LYS A 112 18.58 -3.35 -20.02
CA LYS A 112 17.55 -2.54 -19.39
C LYS A 112 17.09 -3.12 -18.05
N ILE A 113 16.75 -2.25 -17.11
CA ILE A 113 16.27 -2.70 -15.80
C ILE A 113 14.79 -2.37 -15.67
N ASN A 114 14.16 -2.83 -14.59
CA ASN A 114 12.74 -2.56 -14.41
C ASN A 114 12.35 -2.22 -12.98
N MET A 115 13.35 -1.94 -12.15
CA MET A 115 13.13 -1.59 -10.76
C MET A 115 14.18 -0.58 -10.30
N LEU A 116 13.71 0.54 -9.76
CA LEU A 116 14.61 1.58 -9.30
C LEU A 116 14.25 1.99 -7.88
N VAL A 117 15.26 2.07 -7.01
CA VAL A 117 15.03 2.45 -5.63
C VAL A 117 15.90 3.63 -5.21
N HIS A 118 15.23 4.70 -4.82
CA HIS A 118 15.89 5.90 -4.34
C HIS A 118 15.84 5.76 -2.81
N SER A 119 16.98 5.51 -2.19
CA SER A 119 17.02 5.32 -0.75
C SER A 119 18.14 6.16 -0.13
N LEU A 120 18.22 7.43 -0.52
CA LEU A 120 19.26 8.29 0.00
C LEU A 120 18.73 9.67 0.40
N ALA A 121 19.50 10.36 1.22
CA ALA A 121 19.15 11.70 1.68
C ALA A 121 20.38 12.32 2.32
N ASN A 122 20.43 13.64 2.37
CA ASN A 122 21.57 14.31 2.97
C ASN A 122 21.23 15.75 3.19
N ALA A 123 21.88 16.37 4.17
CA ALA A 123 21.64 17.75 4.48
C ALA A 123 22.78 18.28 5.35
N LYS A 124 23.54 19.23 4.80
CA LYS A 124 24.65 19.83 5.53
C LYS A 124 24.29 20.33 6.92
N GLU A 125 23.13 20.97 7.04
CA GLU A 125 22.72 21.56 8.31
C GLU A 125 21.57 20.88 9.05
N VAL A 126 21.47 19.57 8.93
CA VAL A 126 20.39 18.84 9.59
C VAL A 126 20.33 19.04 11.10
N GLN A 127 21.44 19.47 11.69
CA GLN A 127 21.49 19.69 13.14
C GLN A 127 20.89 21.01 13.59
N LYS A 128 20.67 21.93 12.66
CA LYS A 128 20.07 23.22 13.00
C LYS A 128 18.57 23.13 12.73
N ASP A 129 17.78 23.96 13.41
CA ASP A 129 16.34 23.94 13.18
C ASP A 129 16.07 24.72 11.90
N LEU A 130 14.90 24.49 11.30
CA LEU A 130 14.51 25.15 10.05
C LEU A 130 14.78 26.66 10.02
N LEU A 131 14.39 27.37 11.07
CA LEU A 131 14.57 28.82 11.14
C LEU A 131 16.02 29.29 11.01
N ASN A 132 16.96 28.51 11.55
CA ASN A 132 18.37 28.89 11.51
C ASN A 132 19.18 28.19 10.44
N THR A 133 18.48 27.58 9.48
CA THR A 133 19.15 26.91 8.38
C THR A 133 19.46 27.98 7.33
N SER A 134 20.67 27.94 6.77
CA SER A 134 21.06 28.92 5.76
C SER A 134 20.48 28.56 4.40
N ARG A 135 20.54 29.50 3.46
CA ARG A 135 20.03 29.27 2.12
C ARG A 135 20.80 28.12 1.48
N LYS A 136 22.13 28.15 1.65
CA LYS A 136 23.00 27.13 1.08
C LYS A 136 22.69 25.75 1.66
N GLY A 137 22.50 25.69 2.97
CA GLY A 137 22.18 24.42 3.60
C GLY A 137 20.83 23.88 3.17
N TYR A 138 19.87 24.78 3.05
CA TYR A 138 18.51 24.43 2.64
C TYR A 138 18.53 23.87 1.22
N LEU A 139 19.15 24.59 0.30
CA LEU A 139 19.23 24.14 -1.09
C LEU A 139 20.02 22.84 -1.21
N ASP A 140 20.98 22.62 -0.32
CA ASP A 140 21.78 21.40 -0.33
C ASP A 140 20.92 20.19 0.04
N ALA A 141 20.01 20.37 0.98
CA ALA A 141 19.11 19.30 1.41
C ALA A 141 18.17 18.91 0.26
N LEU A 142 17.61 19.92 -0.38
CA LEU A 142 16.68 19.68 -1.48
C LEU A 142 17.36 19.10 -2.72
N SER A 143 18.62 19.47 -2.94
CA SER A 143 19.38 19.00 -4.08
C SER A 143 19.71 17.52 -3.94
N LYS A 144 20.29 17.16 -2.80
CA LYS A 144 20.65 15.78 -2.53
C LYS A 144 19.47 14.85 -2.26
N SER A 145 18.52 15.31 -1.45
CA SER A 145 17.37 14.49 -1.06
C SER A 145 16.11 14.53 -1.92
N SER A 146 15.93 15.58 -2.70
CA SER A 146 14.74 15.71 -3.52
C SER A 146 14.98 15.70 -5.03
N TYR A 147 15.75 16.65 -5.51
CA TYR A 147 16.02 16.73 -6.93
C TYR A 147 16.68 15.46 -7.44
N SER A 148 17.46 14.82 -6.58
CA SER A 148 18.16 13.59 -6.97
C SER A 148 17.18 12.54 -7.50
N LEU A 149 15.94 12.55 -7.00
CA LEU A 149 14.93 11.60 -7.45
C LEU A 149 14.50 11.93 -8.87
N ILE A 150 14.32 13.22 -9.14
CA ILE A 150 13.91 13.68 -10.45
C ILE A 150 14.98 13.36 -11.49
N SER A 151 16.24 13.66 -11.17
CA SER A 151 17.34 13.40 -12.08
C SER A 151 17.48 11.90 -12.34
N LEU A 152 17.31 11.09 -11.30
CA LEU A 152 17.39 9.66 -11.45
C LEU A 152 16.36 9.20 -12.49
N CYS A 153 15.12 9.65 -12.34
CA CYS A 153 14.06 9.26 -13.27
C CYS A 153 14.37 9.72 -14.69
N LYS A 154 14.79 10.96 -14.82
CA LYS A 154 15.10 11.53 -16.12
C LYS A 154 16.12 10.74 -16.93
N TYR A 155 17.20 10.30 -16.30
CA TYR A 155 18.24 9.55 -16.99
C TYR A 155 18.01 8.04 -17.06
N PHE A 156 17.41 7.48 -16.02
CA PHE A 156 17.15 6.04 -15.99
C PHE A 156 15.95 5.57 -16.80
N VAL A 157 14.96 6.44 -16.99
CA VAL A 157 13.78 6.05 -17.74
C VAL A 157 14.20 5.52 -19.13
N ASN A 158 15.33 6.00 -19.62
CA ASN A 158 15.85 5.58 -20.93
C ASN A 158 16.31 4.13 -20.95
N ILE A 159 16.75 3.63 -19.80
CA ILE A 159 17.23 2.26 -19.72
C ILE A 159 16.26 1.37 -18.95
N MET A 160 14.98 1.78 -18.92
CA MET A 160 13.97 1.02 -18.21
C MET A 160 12.90 0.47 -19.16
N LYS A 161 12.33 -0.67 -18.80
CA LYS A 161 11.30 -1.28 -19.62
C LYS A 161 9.92 -0.75 -19.25
N PRO A 162 8.96 -0.78 -20.19
CA PRO A 162 7.62 -0.28 -19.87
C PRO A 162 7.09 -1.10 -18.70
N GLN A 163 6.31 -0.46 -17.84
CA GLN A 163 5.72 -1.10 -16.67
C GLN A 163 6.71 -1.34 -15.53
N SER A 164 7.87 -0.70 -15.60
CA SER A 164 8.83 -0.85 -14.52
C SER A 164 8.33 0.02 -13.37
N SER A 165 8.96 -0.09 -12.20
CA SER A 165 8.50 0.65 -11.05
C SER A 165 9.63 1.33 -10.27
N ILE A 166 9.32 2.49 -9.70
CA ILE A 166 10.27 3.29 -8.94
C ILE A 166 9.73 3.67 -7.57
N ILE A 167 10.54 3.52 -6.52
CA ILE A 167 10.13 3.91 -5.18
C ILE A 167 11.21 4.74 -4.49
N SER A 168 10.81 5.49 -3.46
CA SER A 168 11.73 6.30 -2.69
C SER A 168 11.19 6.23 -1.26
N LEU A 169 11.99 6.67 -0.29
CA LEU A 169 11.55 6.67 1.10
C LEU A 169 11.39 8.11 1.60
N THR A 170 10.36 8.34 2.39
CA THR A 170 10.10 9.65 2.93
C THR A 170 9.79 9.51 4.42
N TYR A 171 9.50 10.62 5.08
CA TYR A 171 9.22 10.60 6.51
C TYR A 171 8.08 11.57 6.82
N HIS A 172 7.23 11.18 7.78
CA HIS A 172 6.07 11.98 8.18
C HIS A 172 6.37 13.43 8.60
N ALA A 173 7.63 13.76 8.85
CA ALA A 173 8.01 15.12 9.23
C ALA A 173 7.57 16.14 8.17
N SER A 174 7.28 15.67 6.97
CA SER A 174 6.85 16.53 5.87
C SER A 174 5.42 17.03 6.06
N GLN A 175 4.61 16.22 6.75
CA GLN A 175 3.21 16.54 6.99
C GLN A 175 2.90 17.10 8.37
N LYS A 176 3.59 16.58 9.37
CA LYS A 176 3.41 17.01 10.76
C LYS A 176 4.79 17.42 11.27
N VAL A 177 4.81 18.41 12.17
CA VAL A 177 6.07 18.89 12.67
C VAL A 177 6.71 18.05 13.77
N VAL A 178 7.92 17.58 13.48
CA VAL A 178 8.69 16.84 14.45
C VAL A 178 9.94 17.69 14.65
N PRO A 179 10.13 18.22 15.87
CA PRO A 179 11.29 19.04 16.20
C PRO A 179 12.55 18.17 16.22
N GLY A 180 13.62 18.69 15.63
CA GLY A 180 14.86 17.94 15.58
C GLY A 180 15.18 17.54 14.15
N TYR A 181 14.15 17.41 13.32
CA TYR A 181 14.31 17.04 11.93
C TYR A 181 14.50 18.33 11.16
N GLY A 182 15.67 18.95 11.33
CA GLY A 182 15.91 20.24 10.68
C GLY A 182 16.76 20.27 9.41
N GLY A 183 17.44 21.39 9.20
CA GLY A 183 18.29 21.56 8.04
C GLY A 183 17.58 21.54 6.71
N GLY A 184 16.25 21.59 6.73
CA GLY A 184 15.51 21.56 5.48
C GLY A 184 15.14 20.15 5.05
N MET A 185 15.32 19.18 5.93
CA MET A 185 14.96 17.82 5.57
C MET A 185 13.44 17.66 5.47
N SER A 186 12.70 18.34 6.34
CA SER A 186 11.25 18.28 6.32
C SER A 186 10.77 18.90 5.00
N SER A 187 11.46 19.97 4.59
CA SER A 187 11.14 20.66 3.35
C SER A 187 11.39 19.72 2.17
N ALA A 188 12.53 19.05 2.18
CA ALA A 188 12.90 18.13 1.11
C ALA A 188 11.91 16.99 1.00
N LYS A 189 11.53 16.40 2.12
CA LYS A 189 10.58 15.30 2.10
C LYS A 189 9.21 15.76 1.58
N ALA A 190 8.82 16.98 1.95
CA ALA A 190 7.53 17.52 1.50
C ALA A 190 7.58 17.69 -0.02
N ALA A 191 8.75 18.04 -0.55
CA ALA A 191 8.90 18.22 -1.99
C ALA A 191 8.94 16.84 -2.67
N LEU A 192 9.61 15.88 -2.03
CA LEU A 192 9.73 14.53 -2.54
C LEU A 192 8.34 13.91 -2.76
N GLU A 193 7.48 14.04 -1.76
CA GLU A 193 6.12 13.50 -1.82
C GLU A 193 5.28 14.18 -2.90
N SER A 194 5.42 15.49 -3.04
CA SER A 194 4.69 16.23 -4.06
C SER A 194 5.21 15.85 -5.44
N ASP A 195 6.52 15.85 -5.61
CA ASP A 195 7.14 15.49 -6.88
C ASP A 195 6.76 14.07 -7.29
N THR A 196 6.61 13.18 -6.32
CA THR A 196 6.24 11.80 -6.61
C THR A 196 4.90 11.78 -7.36
N ARG A 197 3.98 12.64 -6.94
CA ARG A 197 2.67 12.73 -7.60
C ARG A 197 2.84 13.25 -9.02
N VAL A 198 3.54 14.37 -9.17
CA VAL A 198 3.75 14.97 -10.48
C VAL A 198 4.51 14.01 -11.40
N LEU A 199 5.54 13.34 -10.88
CA LEU A 199 6.29 12.41 -11.69
C LEU A 199 5.41 11.23 -12.09
N ALA A 200 4.51 10.83 -11.19
CA ALA A 200 3.63 9.70 -11.48
C ALA A 200 2.83 10.01 -12.75
N TYR A 201 2.44 11.28 -12.88
CA TYR A 201 1.69 11.72 -14.04
C TYR A 201 2.51 11.66 -15.32
N HIS A 202 3.69 12.26 -15.31
CA HIS A 202 4.54 12.27 -16.50
C HIS A 202 5.06 10.88 -16.88
N LEU A 203 5.51 10.12 -15.89
CA LEU A 203 6.03 8.78 -16.14
C LEU A 203 4.90 7.81 -16.51
N GLY A 204 3.71 8.06 -15.95
CA GLY A 204 2.59 7.18 -16.24
C GLY A 204 2.05 7.38 -17.63
N ARG A 205 1.86 8.64 -18.01
CA ARG A 205 1.33 8.97 -19.32
C ARG A 205 2.31 8.71 -20.46
N ASN A 206 3.58 9.03 -20.25
CA ASN A 206 4.58 8.89 -21.30
C ASN A 206 5.31 7.57 -21.40
N TYR A 207 5.47 6.85 -20.29
CA TYR A 207 6.22 5.59 -20.34
C TYR A 207 5.51 4.42 -19.71
N ASN A 208 4.38 4.67 -19.07
CA ASN A 208 3.64 3.61 -18.40
C ASN A 208 4.49 3.05 -17.26
N ILE A 209 5.21 3.95 -16.59
CA ILE A 209 6.05 3.56 -15.47
C ILE A 209 5.40 4.11 -14.20
N ARG A 210 5.47 3.34 -13.14
CA ARG A 210 4.89 3.75 -11.87
C ARG A 210 5.93 4.29 -10.91
N ILE A 211 5.50 5.17 -10.01
CA ILE A 211 6.40 5.71 -9.00
C ILE A 211 5.58 5.97 -7.75
N ASN A 212 6.13 5.57 -6.60
CA ASN A 212 5.46 5.74 -5.32
C ASN A 212 6.53 6.02 -4.28
N THR A 213 6.13 6.43 -3.08
CA THR A 213 7.08 6.70 -2.03
C THR A 213 6.58 6.06 -0.74
N ILE A 214 7.50 5.50 0.02
CA ILE A 214 7.19 4.84 1.28
C ILE A 214 7.60 5.74 2.44
N SER A 215 6.63 6.07 3.30
CA SER A 215 6.89 6.89 4.47
C SER A 215 7.18 5.92 5.60
N ALA A 216 8.47 5.70 5.89
CA ALA A 216 8.85 4.75 6.93
C ALA A 216 8.86 5.28 8.34
N GLY A 217 8.82 4.34 9.29
CA GLY A 217 8.87 4.65 10.70
C GLY A 217 10.34 4.73 11.09
N PRO A 218 10.68 4.91 12.38
CA PRO A 218 12.07 5.01 12.83
C PRO A 218 12.90 3.72 12.76
N LEU A 219 14.15 3.87 12.30
CA LEU A 219 15.07 2.75 12.20
C LEU A 219 16.45 3.30 12.56
N LYS A 220 17.10 2.70 13.55
CA LYS A 220 18.42 3.15 13.98
C LYS A 220 19.47 2.84 12.91
N SER A 221 19.53 3.69 11.90
CA SER A 221 20.49 3.54 10.81
C SER A 221 21.63 4.52 11.05
N ARG A 222 22.67 4.43 10.21
CA ARG A 222 23.81 5.32 10.37
C ARG A 222 23.40 6.79 10.29
N ALA A 223 22.66 7.14 9.25
CA ALA A 223 22.21 8.52 9.08
C ALA A 223 21.33 8.97 10.24
N ALA A 224 20.47 8.08 10.72
CA ALA A 224 19.57 8.40 11.83
C ALA A 224 20.36 8.79 13.06
N THR A 225 21.49 8.10 13.28
CA THR A 225 22.34 8.38 14.43
C THR A 225 22.96 9.77 14.34
N ALA A 226 23.08 10.30 13.13
CA ALA A 226 23.69 11.62 12.90
C ALA A 226 22.79 12.81 13.24
N ILE A 227 21.53 12.56 13.53
CA ILE A 227 20.61 13.64 13.87
C ILE A 227 20.71 13.91 15.37
N ASN A 228 21.68 14.73 15.77
CA ASN A 228 21.87 15.05 17.18
C ASN A 228 20.79 16.01 17.67
N LYS A 229 19.76 15.46 18.30
CA LYS A 229 18.66 16.26 18.82
C LYS A 229 17.71 15.41 19.68
N GLU B 1 -2.45 -22.91 7.65
CA GLU B 1 -3.50 -22.78 6.59
C GLU B 1 -4.33 -21.50 6.73
N ASP B 2 -4.38 -20.73 5.65
CA ASP B 2 -5.11 -19.47 5.62
C ASP B 2 -6.58 -19.63 5.24
N ILE B 3 -7.46 -19.03 6.04
CA ILE B 3 -8.88 -19.08 5.78
C ILE B 3 -9.40 -17.65 5.75
N CYS B 4 -9.97 -17.25 4.63
CA CYS B 4 -10.51 -15.90 4.50
C CYS B 4 -12.01 -15.91 4.36
N PHE B 5 -12.68 -15.01 5.07
CA PHE B 5 -14.12 -14.90 4.98
C PHE B 5 -14.40 -13.63 4.22
N ILE B 6 -15.06 -13.76 3.07
CA ILE B 6 -15.39 -12.60 2.26
C ILE B 6 -16.88 -12.32 2.37
N ALA B 7 -17.22 -11.15 2.91
CA ALA B 7 -18.60 -10.75 3.09
C ALA B 7 -18.97 -9.73 2.04
N GLY B 8 -19.89 -10.12 1.15
CA GLY B 8 -20.32 -9.23 0.09
C GLY B 8 -20.03 -9.79 -1.28
N ILE B 9 -20.68 -10.90 -1.62
CA ILE B 9 -20.51 -11.51 -2.94
C ILE B 9 -21.88 -11.93 -3.41
N GLY B 10 -22.28 -11.42 -4.58
CA GLY B 10 -23.59 -11.77 -5.11
C GLY B 10 -23.46 -12.26 -6.53
N ASP B 11 -22.26 -12.16 -7.09
CA ASP B 11 -21.99 -12.57 -8.46
C ASP B 11 -20.48 -12.49 -8.68
N THR B 12 -20.06 -12.61 -9.94
CA THR B 12 -18.64 -12.56 -10.27
C THR B 12 -18.23 -11.24 -10.94
N ASN B 13 -19.07 -10.22 -10.82
CA ASN B 13 -18.79 -8.93 -11.44
C ASN B 13 -18.27 -7.87 -10.48
N GLY B 14 -18.24 -8.19 -9.19
CA GLY B 14 -17.78 -7.23 -8.21
C GLY B 14 -16.34 -7.40 -7.75
N TYR B 15 -15.94 -6.62 -6.75
CA TYR B 15 -14.58 -6.69 -6.24
C TYR B 15 -14.38 -7.90 -5.34
N GLY B 16 -15.46 -8.34 -4.70
CA GLY B 16 -15.37 -9.50 -3.84
C GLY B 16 -14.84 -10.69 -4.62
N TRP B 17 -15.29 -10.85 -5.86
CA TRP B 17 -14.84 -11.96 -6.68
C TRP B 17 -13.37 -11.83 -7.08
N GLY B 18 -12.98 -10.64 -7.50
CA GLY B 18 -11.60 -10.41 -7.87
C GLY B 18 -10.68 -10.67 -6.69
N ILE B 19 -11.16 -10.36 -5.48
CA ILE B 19 -10.37 -10.58 -4.28
C ILE B 19 -10.26 -12.08 -4.02
N ALA B 20 -11.36 -12.79 -4.22
CA ALA B 20 -11.38 -14.25 -4.01
C ALA B 20 -10.45 -14.92 -5.00
N LYS B 21 -10.53 -14.48 -6.25
CA LYS B 21 -9.71 -15.05 -7.32
C LYS B 21 -8.22 -14.89 -7.00
N GLU B 22 -7.81 -13.70 -6.59
CA GLU B 22 -6.41 -13.46 -6.24
C GLU B 22 -5.99 -14.22 -4.98
N LEU B 23 -6.91 -14.35 -4.02
CA LEU B 23 -6.59 -15.06 -2.80
C LEU B 23 -6.36 -16.54 -3.04
N SER B 24 -7.11 -17.12 -3.98
CA SER B 24 -6.94 -18.53 -4.28
C SER B 24 -5.60 -18.82 -4.94
N LYS B 25 -5.04 -17.82 -5.64
CA LYS B 25 -3.74 -18.00 -6.26
C LYS B 25 -2.73 -18.37 -5.18
N ARG B 26 -2.91 -17.79 -3.99
CA ARG B 26 -2.01 -18.04 -2.88
C ARG B 26 -2.47 -19.20 -2.01
N ASN B 27 -3.43 -19.96 -2.51
CA ASN B 27 -3.96 -21.13 -1.82
C ASN B 27 -4.65 -20.88 -0.48
N VAL B 28 -5.34 -19.75 -0.34
CA VAL B 28 -6.04 -19.53 0.92
C VAL B 28 -7.49 -20.00 0.72
N LYS B 29 -8.03 -20.69 1.72
CA LYS B 29 -9.41 -21.17 1.64
C LYS B 29 -10.37 -19.99 1.68
N ILE B 30 -11.36 -20.01 0.80
CA ILE B 30 -12.34 -18.92 0.71
C ILE B 30 -13.74 -19.29 1.19
N ILE B 31 -14.28 -18.51 2.12
CA ILE B 31 -15.64 -18.73 2.63
C ILE B 31 -16.46 -17.52 2.16
N PHE B 32 -17.53 -17.77 1.41
CA PHE B 32 -18.37 -16.69 0.91
C PHE B 32 -19.55 -16.37 1.83
N GLY B 33 -19.80 -15.08 2.03
CA GLY B 33 -20.92 -14.62 2.84
C GLY B 33 -21.86 -13.98 1.84
N ILE B 34 -22.99 -14.64 1.53
CA ILE B 34 -23.94 -14.15 0.54
C ILE B 34 -25.23 -13.55 1.12
N TRP B 35 -25.61 -12.37 0.63
CA TRP B 35 -26.82 -11.70 1.09
C TRP B 35 -28.03 -12.57 0.69
N PRO B 36 -28.88 -12.93 1.66
CA PRO B 36 -30.07 -13.77 1.44
C PRO B 36 -30.91 -13.48 0.20
N PRO B 37 -31.21 -12.21 -0.08
CA PRO B 37 -32.02 -11.89 -1.26
C PRO B 37 -31.48 -12.51 -2.55
N VAL B 38 -30.17 -12.66 -2.66
CA VAL B 38 -29.58 -13.24 -3.86
C VAL B 38 -28.88 -14.59 -3.62
N TYR B 39 -29.04 -15.14 -2.42
CA TYR B 39 -28.41 -16.40 -2.07
C TYR B 39 -28.80 -17.56 -2.98
N ASN B 40 -30.11 -17.80 -3.12
CA ASN B 40 -30.61 -18.88 -3.96
C ASN B 40 -30.21 -18.73 -5.42
N ILE B 41 -30.30 -17.52 -5.95
CA ILE B 41 -29.93 -17.27 -7.33
C ILE B 41 -28.44 -17.52 -7.57
N PHE B 42 -27.62 -17.21 -6.56
CA PHE B 42 -26.18 -17.44 -6.66
C PHE B 42 -25.89 -18.94 -6.67
N MET B 43 -26.51 -19.67 -5.74
CA MET B 43 -26.33 -21.12 -5.67
C MET B 43 -26.78 -21.77 -6.97
N LYS B 44 -27.92 -21.32 -7.47
CA LYS B 44 -28.47 -21.85 -8.72
C LYS B 44 -27.45 -21.74 -9.84
N ASN B 45 -26.98 -20.52 -10.11
CA ASN B 45 -25.99 -20.30 -11.16
C ASN B 45 -24.71 -21.09 -10.90
N TYR B 46 -24.30 -21.15 -9.65
CA TYR B 46 -23.09 -21.88 -9.29
C TYR B 46 -23.22 -23.36 -9.62
N LYS B 47 -24.29 -23.97 -9.12
CA LYS B 47 -24.54 -25.39 -9.32
C LYS B 47 -24.70 -25.75 -10.80
N ASN B 48 -25.41 -24.92 -11.55
CA ASN B 48 -25.61 -25.18 -12.98
C ASN B 48 -24.38 -24.80 -13.80
N GLY B 49 -23.26 -24.56 -13.13
CA GLY B 49 -22.02 -24.22 -13.80
C GLY B 49 -21.95 -22.91 -14.58
N LYS B 50 -22.54 -21.85 -14.04
CA LYS B 50 -22.52 -20.55 -14.72
C LYS B 50 -21.22 -19.78 -14.43
N PHE B 51 -20.58 -20.10 -13.32
CA PHE B 51 -19.34 -19.41 -12.95
C PHE B 51 -18.11 -20.29 -13.17
N ASP B 52 -18.27 -21.39 -13.90
CA ASP B 52 -17.16 -22.29 -14.17
C ASP B 52 -15.99 -21.61 -14.87
N ASN B 53 -16.29 -20.77 -15.86
CA ASN B 53 -15.24 -20.06 -16.58
C ASN B 53 -14.61 -18.96 -15.73
N ASP B 54 -15.38 -18.42 -14.80
CA ASP B 54 -14.87 -17.37 -13.94
C ASP B 54 -14.04 -17.88 -12.77
N MET B 55 -14.03 -19.20 -12.57
CA MET B 55 -13.26 -19.79 -11.48
C MET B 55 -11.89 -20.30 -11.95
N ILE B 56 -11.57 -20.04 -13.21
CA ILE B 56 -10.29 -20.46 -13.77
C ILE B 56 -9.22 -19.46 -13.37
N ILE B 57 -8.17 -19.95 -12.73
CA ILE B 57 -7.08 -19.10 -12.29
C ILE B 57 -5.82 -19.30 -13.11
N ASP B 58 -5.67 -18.48 -14.16
CA ASP B 58 -4.50 -18.50 -15.05
C ASP B 58 -3.76 -19.84 -15.09
N LYS B 59 -2.86 -20.03 -14.12
CA LYS B 59 -2.06 -21.24 -14.01
C LYS B 59 -2.90 -22.51 -13.90
N ASP B 60 -3.92 -22.60 -14.75
CA ASP B 60 -4.82 -23.75 -14.78
C ASP B 60 -5.23 -24.16 -13.36
N LYS B 61 -5.55 -23.16 -12.54
CA LYS B 61 -5.99 -23.41 -11.18
C LYS B 61 -7.50 -23.21 -11.11
N LYS B 62 -8.15 -23.95 -10.23
CA LYS B 62 -9.59 -23.83 -10.07
C LYS B 62 -9.82 -23.19 -8.70
N MET B 63 -10.41 -22.01 -8.69
CA MET B 63 -10.69 -21.30 -7.44
C MET B 63 -11.44 -22.22 -6.48
N ASN B 64 -10.79 -22.58 -5.37
CA ASN B 64 -11.43 -23.46 -4.40
C ASN B 64 -12.22 -22.74 -3.32
N ILE B 65 -13.54 -22.96 -3.34
CA ILE B 65 -14.45 -22.36 -2.38
C ILE B 65 -14.76 -23.31 -1.24
N LEU B 66 -14.32 -22.96 -0.04
CA LEU B 66 -14.54 -23.77 1.14
C LEU B 66 -16.02 -23.94 1.49
N ASP B 67 -16.72 -22.82 1.64
CA ASP B 67 -18.13 -22.85 2.01
C ASP B 67 -18.85 -21.59 1.50
N MET B 68 -20.18 -21.66 1.44
CA MET B 68 -20.98 -20.53 0.99
C MET B 68 -22.18 -20.37 1.91
N LEU B 69 -22.10 -19.37 2.78
CA LEU B 69 -23.15 -19.15 3.77
C LEU B 69 -23.98 -17.89 3.59
N PRO B 70 -25.28 -17.98 3.91
CA PRO B 70 -26.13 -16.80 3.78
C PRO B 70 -25.67 -15.84 4.89
N PHE B 71 -25.60 -14.55 4.58
CA PHE B 71 -25.11 -13.56 5.53
C PHE B 71 -25.75 -12.18 5.30
N ASP B 72 -26.29 -11.60 6.36
CA ASP B 72 -26.91 -10.28 6.26
C ASP B 72 -26.26 -9.34 7.27
N ALA B 73 -25.53 -8.37 6.75
CA ALA B 73 -24.79 -7.39 7.55
C ALA B 73 -25.60 -6.44 8.42
N SER B 74 -26.92 -6.42 8.24
CA SER B 74 -27.72 -5.50 9.06
C SER B 74 -28.17 -6.11 10.39
N PHE B 75 -27.88 -7.40 10.59
CA PHE B 75 -28.27 -8.07 11.84
C PHE B 75 -27.09 -8.55 12.65
N ASP B 76 -26.93 -8.00 13.83
CA ASP B 76 -25.83 -8.39 14.70
C ASP B 76 -26.05 -9.75 15.37
N THR B 77 -27.19 -9.91 16.05
CA THR B 77 -27.50 -11.18 16.70
C THR B 77 -28.86 -11.70 16.23
N ALA B 78 -29.11 -12.97 16.54
CA ALA B 78 -30.35 -13.63 16.16
C ALA B 78 -31.60 -12.89 16.61
N ASN B 79 -31.54 -12.17 17.74
CA ASN B 79 -32.74 -11.47 18.16
C ASN B 79 -32.78 -10.02 17.71
N ASP B 80 -32.10 -9.73 16.60
CA ASP B 80 -32.07 -8.40 16.01
C ASP B 80 -32.93 -8.43 14.76
N ILE B 81 -33.18 -9.63 14.25
CA ILE B 81 -33.99 -9.79 13.06
C ILE B 81 -35.47 -9.63 13.40
N ASP B 82 -36.15 -8.78 12.63
CA ASP B 82 -37.58 -8.51 12.83
C ASP B 82 -38.42 -9.67 12.30
N GLU B 83 -39.66 -9.76 12.77
CA GLU B 83 -40.56 -10.82 12.35
C GLU B 83 -40.76 -10.85 10.84
N GLU B 84 -40.91 -9.67 10.22
CA GLU B 84 -41.11 -9.60 8.79
C GLU B 84 -40.02 -10.25 7.95
N THR B 85 -38.78 -9.81 8.13
CA THR B 85 -37.69 -10.39 7.35
C THR B 85 -37.50 -11.84 7.77
N LYS B 86 -37.79 -12.12 9.03
CA LYS B 86 -37.65 -13.48 9.57
C LYS B 86 -38.52 -14.46 8.82
N ASN B 87 -39.70 -14.02 8.40
CA ASN B 87 -40.65 -14.86 7.66
C ASN B 87 -40.68 -14.59 6.16
N ASN B 88 -39.91 -13.61 5.71
CA ASN B 88 -39.86 -13.25 4.30
C ASN B 88 -39.58 -14.46 3.40
N LYS B 89 -40.18 -14.44 2.21
CA LYS B 89 -40.02 -15.49 1.22
C LYS B 89 -38.58 -15.95 1.01
N ARG B 90 -37.64 -15.00 1.00
CA ARG B 90 -36.23 -15.31 0.78
C ARG B 90 -35.45 -15.77 2.01
N TYR B 91 -35.93 -15.44 3.20
CA TYR B 91 -35.25 -15.80 4.44
C TYR B 91 -35.78 -17.02 5.18
N ASN B 92 -37.09 -17.24 5.10
CA ASN B 92 -37.75 -18.37 5.78
C ASN B 92 -36.94 -19.67 5.87
N MET B 93 -36.46 -20.15 4.73
CA MET B 93 -35.71 -21.39 4.67
C MET B 93 -34.22 -21.30 4.98
N LEU B 94 -33.77 -20.14 5.44
CA LEU B 94 -32.35 -19.97 5.78
C LEU B 94 -32.22 -19.72 7.27
N GLN B 95 -31.02 -20.00 7.81
CA GLN B 95 -30.79 -19.78 9.24
C GLN B 95 -29.34 -19.41 9.54
N ASN B 96 -29.10 -18.87 10.73
CA ASN B 96 -27.77 -18.46 11.16
C ASN B 96 -27.10 -17.49 10.19
N TYR B 97 -27.84 -16.47 9.76
CA TYR B 97 -27.28 -15.51 8.83
C TYR B 97 -26.92 -14.16 9.44
N THR B 98 -27.00 -14.03 10.76
CA THR B 98 -26.62 -12.79 11.39
C THR B 98 -25.11 -12.81 11.61
N ILE B 99 -24.53 -11.63 11.82
CA ILE B 99 -23.09 -11.51 12.03
C ILE B 99 -22.58 -12.46 13.13
N GLU B 100 -23.26 -12.48 14.27
CA GLU B 100 -22.85 -13.35 15.35
C GLU B 100 -22.92 -14.83 15.01
N ASP B 101 -24.01 -15.23 14.35
CA ASP B 101 -24.21 -16.63 13.98
C ASP B 101 -23.21 -17.17 12.96
N VAL B 102 -22.83 -16.37 11.96
CA VAL B 102 -21.89 -16.86 10.97
C VAL B 102 -20.51 -17.01 11.63
N ALA B 103 -20.23 -16.13 12.58
CA ALA B 103 -18.95 -16.19 13.29
C ALA B 103 -18.88 -17.50 14.08
N ASN B 104 -19.95 -17.81 14.82
CA ASN B 104 -19.99 -19.05 15.59
C ASN B 104 -20.01 -20.25 14.65
N LEU B 105 -20.67 -20.09 13.51
CA LEU B 105 -20.79 -21.15 12.52
C LEU B 105 -19.42 -21.48 11.92
N ILE B 106 -18.71 -20.46 11.47
CA ILE B 106 -17.39 -20.64 10.87
C ILE B 106 -16.43 -21.25 11.89
N HIS B 107 -16.43 -20.71 13.09
CA HIS B 107 -15.54 -21.20 14.14
C HIS B 107 -15.83 -22.64 14.52
N GLN B 108 -17.09 -23.02 14.42
CA GLN B 108 -17.52 -24.36 14.75
C GLN B 108 -17.10 -25.37 13.68
N LYS B 109 -17.20 -24.98 12.42
CA LYS B 109 -16.83 -25.89 11.34
C LYS B 109 -15.36 -25.87 10.95
N TYR B 110 -14.72 -24.70 11.01
CA TYR B 110 -13.32 -24.60 10.60
C TYR B 110 -12.36 -24.08 11.66
N GLY B 111 -12.88 -23.68 12.81
CA GLY B 111 -12.02 -23.16 13.85
C GLY B 111 -11.69 -21.70 13.58
N LYS B 112 -10.51 -21.27 13.99
CA LYS B 112 -10.10 -19.88 13.80
C LYS B 112 -9.65 -19.57 12.38
N ILE B 113 -9.99 -18.37 11.91
CA ILE B 113 -9.57 -17.95 10.57
C ILE B 113 -8.57 -16.80 10.77
N ASN B 114 -7.97 -16.31 9.69
CA ASN B 114 -6.99 -15.25 9.84
C ASN B 114 -7.09 -14.15 8.80
N MET B 115 -8.19 -14.12 8.06
CA MET B 115 -8.40 -13.11 7.04
C MET B 115 -9.86 -12.75 6.92
N LEU B 116 -10.16 -11.46 7.03
CA LEU B 116 -11.53 -10.99 6.93
C LEU B 116 -11.64 -9.85 5.91
N VAL B 117 -12.58 -10.00 4.98
CA VAL B 117 -12.80 -8.99 3.94
C VAL B 117 -14.23 -8.47 4.02
N HIS B 118 -14.35 -7.16 4.12
CA HIS B 118 -15.66 -6.50 4.17
C HIS B 118 -15.81 -5.85 2.78
N SER B 119 -16.64 -6.45 1.95
CA SER B 119 -16.85 -5.97 0.59
C SER B 119 -18.31 -5.69 0.32
N LEU B 120 -18.97 -4.95 1.20
CA LEU B 120 -20.38 -4.66 1.02
C LEU B 120 -20.75 -3.24 1.36
N ALA B 121 -21.90 -2.83 0.84
CA ALA B 121 -22.43 -1.49 1.08
C ALA B 121 -23.84 -1.45 0.53
N ASN B 122 -24.66 -0.57 1.08
CA ASN B 122 -26.02 -0.44 0.60
C ASN B 122 -26.62 0.84 1.17
N ALA B 123 -27.60 1.38 0.46
CA ALA B 123 -28.27 2.60 0.86
C ALA B 123 -29.57 2.70 0.06
N LYS B 124 -30.69 2.77 0.76
CA LYS B 124 -31.99 2.86 0.13
C LYS B 124 -32.19 4.08 -0.77
N GLU B 125 -31.62 5.21 -0.36
CA GLU B 125 -31.77 6.45 -1.11
C GLU B 125 -30.55 6.90 -1.91
N VAL B 126 -29.80 5.94 -2.43
CA VAL B 126 -28.60 6.27 -3.20
C VAL B 126 -28.90 7.16 -4.41
N GLN B 127 -30.12 7.08 -4.92
CA GLN B 127 -30.51 7.89 -6.08
C GLN B 127 -30.79 9.36 -5.78
N LYS B 128 -30.92 9.70 -4.50
CA LYS B 128 -31.19 11.08 -4.11
C LYS B 128 -29.88 11.76 -3.67
N ASP B 129 -29.74 13.06 -3.91
CA ASP B 129 -28.53 13.75 -3.49
C ASP B 129 -28.56 13.87 -1.96
N LEU B 130 -27.40 14.07 -1.36
CA LEU B 130 -27.28 14.19 0.10
C LEU B 130 -28.35 15.08 0.75
N LEU B 131 -28.55 16.28 0.20
CA LEU B 131 -29.50 17.25 0.73
C LEU B 131 -30.94 16.72 0.79
N ASN B 132 -31.33 15.90 -0.18
CA ASN B 132 -32.68 15.35 -0.18
C ASN B 132 -32.79 13.94 0.35
N THR B 133 -31.81 13.52 1.13
CA THR B 133 -31.84 12.18 1.71
C THR B 133 -32.52 12.34 3.08
N SER B 134 -33.40 11.41 3.40
CA SER B 134 -34.12 11.46 4.68
C SER B 134 -33.26 10.91 5.80
N ARG B 135 -33.66 11.16 7.03
CA ARG B 135 -32.91 10.66 8.18
C ARG B 135 -32.87 9.14 8.11
N LYS B 136 -34.00 8.54 7.76
CA LYS B 136 -34.11 7.10 7.66
C LYS B 136 -33.13 6.56 6.62
N GLY B 137 -33.16 7.14 5.43
CA GLY B 137 -32.27 6.69 4.37
C GLY B 137 -30.81 6.83 4.74
N TYR B 138 -30.46 7.98 5.32
CA TYR B 138 -29.11 8.25 5.75
C TYR B 138 -28.65 7.19 6.76
N LEU B 139 -29.42 7.04 7.83
CA LEU B 139 -29.07 6.07 8.86
C LEU B 139 -29.00 4.67 8.27
N ASP B 140 -29.79 4.40 7.24
CA ASP B 140 -29.76 3.09 6.60
C ASP B 140 -28.40 2.86 5.95
N ALA B 141 -27.91 3.86 5.22
CA ALA B 141 -26.63 3.76 4.53
C ALA B 141 -25.47 3.53 5.50
N LEU B 142 -25.49 4.22 6.64
CA LEU B 142 -24.43 4.08 7.62
C LEU B 142 -24.51 2.76 8.39
N SER B 143 -25.73 2.28 8.63
CA SER B 143 -25.92 1.03 9.35
C SER B 143 -25.41 -0.13 8.50
N LYS B 144 -25.81 -0.16 7.23
CA LYS B 144 -25.43 -1.22 6.31
C LYS B 144 -23.99 -1.15 5.82
N SER B 145 -23.55 0.06 5.44
CA SER B 145 -22.22 0.26 4.89
C SER B 145 -21.07 0.56 5.84
N SER B 146 -21.37 1.05 7.04
CA SER B 146 -20.30 1.40 7.97
C SER B 146 -20.29 0.63 9.29
N TYR B 147 -21.41 0.61 9.98
CA TYR B 147 -21.46 -0.09 11.25
C TYR B 147 -21.20 -1.57 11.06
N SER B 148 -21.65 -2.11 9.93
CA SER B 148 -21.46 -3.52 9.63
C SER B 148 -19.99 -3.94 9.76
N LEU B 149 -19.07 -3.01 9.56
CA LEU B 149 -17.65 -3.32 9.67
C LEU B 149 -17.25 -3.42 11.14
N ILE B 150 -17.75 -2.48 11.95
CA ILE B 150 -17.44 -2.48 13.37
C ILE B 150 -17.99 -3.75 14.01
N SER B 151 -19.19 -4.13 13.60
CA SER B 151 -19.82 -5.34 14.14
C SER B 151 -19.09 -6.61 13.67
N LEU B 152 -18.72 -6.66 12.40
CA LEU B 152 -17.99 -7.83 11.90
C LEU B 152 -16.77 -8.02 12.80
N CYS B 153 -16.09 -6.92 13.09
CA CYS B 153 -14.88 -6.95 13.92
C CYS B 153 -15.14 -7.39 15.35
N LYS B 154 -16.18 -6.85 15.97
CA LYS B 154 -16.50 -7.21 17.34
C LYS B 154 -16.69 -8.73 17.54
N TYR B 155 -17.48 -9.35 16.67
CA TYR B 155 -17.76 -10.78 16.76
C TYR B 155 -16.72 -11.71 16.18
N PHE B 156 -16.07 -11.29 15.09
CA PHE B 156 -15.06 -12.12 14.44
C PHE B 156 -13.68 -12.10 15.11
N VAL B 157 -13.40 -11.05 15.87
CA VAL B 157 -12.10 -10.94 16.53
C VAL B 157 -11.89 -12.10 17.50
N ASN B 158 -12.97 -12.77 17.87
CA ASN B 158 -12.93 -13.91 18.78
C ASN B 158 -12.58 -15.21 18.08
N ILE B 159 -12.73 -15.24 16.76
CA ILE B 159 -12.43 -16.45 16.01
C ILE B 159 -11.25 -16.22 15.08
N MET B 160 -10.46 -15.18 15.37
CA MET B 160 -9.30 -14.86 14.55
C MET B 160 -8.00 -15.06 15.29
N LYS B 161 -7.00 -15.55 14.59
CA LYS B 161 -5.70 -15.78 15.19
C LYS B 161 -4.96 -14.45 15.25
N PRO B 162 -4.00 -14.33 16.17
CA PRO B 162 -3.23 -13.10 16.30
C PRO B 162 -2.54 -12.85 14.96
N GLN B 163 -2.25 -11.58 14.69
CA GLN B 163 -1.57 -11.20 13.44
C GLN B 163 -2.44 -11.36 12.19
N SER B 164 -3.72 -11.62 12.38
CA SER B 164 -4.60 -11.75 11.24
C SER B 164 -4.85 -10.35 10.68
N SER B 165 -5.37 -10.27 9.45
CA SER B 165 -5.60 -8.99 8.79
C SER B 165 -7.04 -8.81 8.31
N ILE B 166 -7.50 -7.57 8.30
CA ILE B 166 -8.86 -7.23 7.87
C ILE B 166 -8.84 -6.07 6.89
N ILE B 167 -9.67 -6.14 5.85
CA ILE B 167 -9.75 -5.04 4.88
C ILE B 167 -11.20 -4.81 4.46
N SER B 168 -11.48 -3.59 4.01
CA SER B 168 -12.79 -3.21 3.51
C SER B 168 -12.52 -2.33 2.29
N LEU B 169 -13.57 -2.00 1.55
CA LEU B 169 -13.43 -1.17 0.35
C LEU B 169 -14.12 0.18 0.52
N THR B 170 -13.47 1.25 0.07
CA THR B 170 -14.07 2.58 0.15
C THR B 170 -13.95 3.30 -1.19
N TYR B 171 -14.36 4.56 -1.22
CA TYR B 171 -14.32 5.34 -2.46
C TYR B 171 -13.98 6.79 -2.14
N HIS B 172 -13.24 7.41 -3.06
CA HIS B 172 -12.78 8.79 -2.93
C HIS B 172 -13.90 9.82 -2.67
N ALA B 173 -15.14 9.47 -2.96
CA ALA B 173 -16.25 10.41 -2.75
C ALA B 173 -16.37 10.83 -1.29
N SER B 174 -15.61 10.18 -0.43
CA SER B 174 -15.61 10.50 0.99
C SER B 174 -14.75 11.74 1.27
N GLN B 175 -13.70 11.92 0.46
CA GLN B 175 -12.77 13.03 0.62
C GLN B 175 -13.03 14.21 -0.33
N LYS B 176 -13.41 13.90 -1.57
CA LYS B 176 -13.69 14.91 -2.57
C LYS B 176 -15.12 14.65 -3.05
N VAL B 177 -15.86 15.70 -3.38
CA VAL B 177 -17.23 15.48 -3.79
C VAL B 177 -17.46 15.04 -5.23
N VAL B 178 -18.31 14.03 -5.38
CA VAL B 178 -18.67 13.55 -6.69
C VAL B 178 -20.19 13.48 -6.66
N PRO B 179 -20.85 14.32 -7.47
CA PRO B 179 -22.32 14.32 -7.52
C PRO B 179 -22.78 12.97 -8.05
N GLY B 180 -23.89 12.47 -7.52
CA GLY B 180 -24.38 11.19 -7.98
C GLY B 180 -24.20 10.13 -6.94
N TYR B 181 -23.16 10.27 -6.12
CA TYR B 181 -22.90 9.31 -5.05
C TYR B 181 -23.70 9.81 -3.86
N GLY B 182 -25.02 9.61 -3.90
CA GLY B 182 -25.87 10.10 -2.82
C GLY B 182 -26.39 9.15 -1.76
N GLY B 183 -27.52 9.50 -1.18
CA GLY B 183 -28.14 8.67 -0.16
C GLY B 183 -27.32 8.54 1.09
N GLY B 184 -26.28 9.36 1.21
CA GLY B 184 -25.42 9.29 2.37
C GLY B 184 -24.30 8.26 2.22
N MET B 185 -24.04 7.82 0.98
CA MET B 185 -22.96 6.86 0.76
C MET B 185 -21.61 7.54 0.96
N SER B 186 -21.53 8.82 0.61
CA SER B 186 -20.29 9.58 0.78
C SER B 186 -20.03 9.66 2.28
N SER B 187 -21.10 9.87 3.03
CA SER B 187 -21.04 9.96 4.48
C SER B 187 -20.57 8.63 5.05
N ALA B 188 -21.22 7.55 4.61
CA ALA B 188 -20.88 6.21 5.07
C ALA B 188 -19.41 5.89 4.83
N LYS B 189 -18.90 6.26 3.66
CA LYS B 189 -17.50 5.99 3.36
C LYS B 189 -16.58 6.85 4.23
N ALA B 190 -17.00 8.07 4.54
CA ALA B 190 -16.18 8.94 5.38
C ALA B 190 -16.05 8.28 6.76
N ALA B 191 -17.17 7.78 7.28
CA ALA B 191 -17.19 7.12 8.57
C ALA B 191 -16.29 5.87 8.57
N LEU B 192 -16.48 5.03 7.55
CA LEU B 192 -15.71 3.79 7.39
C LEU B 192 -14.19 4.04 7.43
N GLU B 193 -13.74 5.05 6.70
CA GLU B 193 -12.33 5.40 6.65
C GLU B 193 -11.85 5.86 8.02
N SER B 194 -12.67 6.67 8.70
CA SER B 194 -12.31 7.16 10.02
C SER B 194 -12.33 5.99 11.02
N ASP B 195 -13.37 5.16 10.96
CA ASP B 195 -13.49 4.02 11.86
C ASP B 195 -12.35 3.04 11.63
N THR B 196 -11.81 3.00 10.41
CA THR B 196 -10.72 2.08 10.12
C THR B 196 -9.51 2.45 10.97
N ARG B 197 -9.31 3.75 11.19
CA ARG B 197 -8.18 4.22 12.00
C ARG B 197 -8.41 3.89 13.48
N VAL B 198 -9.60 4.21 13.99
CA VAL B 198 -9.92 3.94 15.38
C VAL B 198 -9.87 2.43 15.68
N LEU B 199 -10.44 1.62 14.79
CA LEU B 199 -10.41 0.18 14.97
C LEU B 199 -8.98 -0.36 14.89
N ALA B 200 -8.14 0.29 14.09
CA ALA B 200 -6.75 -0.15 13.95
C ALA B 200 -6.06 0.00 15.28
N TYR B 201 -6.50 0.97 16.07
CA TYR B 201 -5.91 1.19 17.38
C TYR B 201 -6.36 0.09 18.36
N HIS B 202 -7.66 -0.08 18.51
CA HIS B 202 -8.20 -1.08 19.42
C HIS B 202 -7.78 -2.50 19.01
N LEU B 203 -7.99 -2.86 17.75
CA LEU B 203 -7.62 -4.18 17.28
C LEU B 203 -6.11 -4.42 17.37
N GLY B 204 -5.33 -3.37 17.11
CA GLY B 204 -3.89 -3.51 17.15
C GLY B 204 -3.35 -3.70 18.55
N ARG B 205 -3.78 -2.84 19.47
CA ARG B 205 -3.32 -2.90 20.86
C ARG B 205 -3.78 -4.13 21.63
N ASN B 206 -5.02 -4.53 21.42
CA ASN B 206 -5.59 -5.66 22.16
C ASN B 206 -5.38 -7.05 21.55
N TYR B 207 -5.68 -7.21 20.27
CA TYR B 207 -5.59 -8.51 19.62
C TYR B 207 -4.42 -8.66 18.66
N ASN B 208 -3.67 -7.59 18.46
CA ASN B 208 -2.54 -7.63 17.53
C ASN B 208 -3.05 -7.93 16.12
N ILE B 209 -4.22 -7.35 15.79
CA ILE B 209 -4.81 -7.55 14.49
C ILE B 209 -4.76 -6.26 13.68
N ARG B 210 -4.56 -6.39 12.38
CA ARG B 210 -4.47 -5.24 11.49
C ARG B 210 -5.75 -5.01 10.69
N ILE B 211 -5.97 -3.77 10.30
CA ILE B 211 -7.15 -3.43 9.50
C ILE B 211 -6.84 -2.22 8.64
N ASN B 212 -7.12 -2.35 7.34
CA ASN B 212 -6.88 -1.26 6.39
C ASN B 212 -8.06 -1.19 5.44
N THR B 213 -8.14 -0.12 4.67
CA THR B 213 -9.24 -0.01 3.73
C THR B 213 -8.70 0.40 2.37
N ILE B 214 -9.23 -0.24 1.32
CA ILE B 214 -8.81 0.03 -0.04
C ILE B 214 -9.79 0.94 -0.75
N SER B 215 -9.31 2.10 -1.23
CA SER B 215 -10.15 3.04 -1.95
C SER B 215 -9.98 2.66 -3.42
N ALA B 216 -10.99 1.99 -3.97
CA ALA B 216 -10.92 1.52 -5.35
C ALA B 216 -11.44 2.46 -6.41
N GLY B 217 -10.95 2.27 -7.63
CA GLY B 217 -11.39 3.08 -8.75
C GLY B 217 -12.73 2.54 -9.24
N PRO B 218 -13.25 3.06 -10.36
CA PRO B 218 -14.53 2.63 -10.94
C PRO B 218 -14.54 1.22 -11.55
N LEU B 219 -15.51 0.42 -11.14
CA LEU B 219 -15.68 -0.93 -11.67
C LEU B 219 -17.17 -1.11 -11.94
N LYS B 220 -17.50 -1.62 -13.12
CA LYS B 220 -18.89 -1.80 -13.49
C LYS B 220 -19.47 -3.05 -12.83
N SER B 221 -19.80 -2.93 -11.54
CA SER B 221 -20.36 -4.03 -10.79
C SER B 221 -21.87 -3.88 -10.84
N ARG B 222 -22.58 -4.89 -10.36
CA ARG B 222 -24.03 -4.84 -10.36
C ARG B 222 -24.51 -3.61 -9.58
N ALA B 223 -23.93 -3.38 -8.42
CA ALA B 223 -24.31 -2.24 -7.59
C ALA B 223 -23.96 -0.91 -8.22
N ALA B 224 -22.89 -0.86 -9.01
CA ALA B 224 -22.50 0.39 -9.67
C ALA B 224 -23.61 0.87 -10.59
N THR B 225 -24.28 -0.08 -11.22
CA THR B 225 -25.37 0.20 -12.14
C THR B 225 -26.60 0.78 -11.45
N ALA B 226 -26.78 0.44 -10.18
CA ALA B 226 -27.93 0.92 -9.41
C ALA B 226 -27.87 2.41 -9.11
N ILE B 227 -26.70 3.01 -9.26
CA ILE B 227 -26.54 4.44 -9.01
C ILE B 227 -27.07 5.23 -10.20
N ASN B 228 -28.39 5.27 -10.35
CA ASN B 228 -29.02 6.00 -11.46
C ASN B 228 -28.74 7.50 -11.40
N LYS B 229 -27.69 7.91 -12.10
CA LYS B 229 -27.29 9.32 -12.14
C LYS B 229 -26.63 9.63 -13.49
N TYR C 1 18.29 11.74 24.84
CA TYR C 1 19.29 10.73 24.49
C TYR C 1 19.28 10.38 23.00
N THR C 2 19.49 11.41 22.16
CA THR C 2 19.53 11.31 20.70
C THR C 2 18.13 11.20 20.08
N PHE C 3 17.94 11.93 18.99
CA PHE C 3 16.68 11.98 18.28
C PHE C 3 16.09 10.62 17.91
N ILE C 4 16.90 9.75 17.31
CA ILE C 4 16.41 8.45 16.87
C ILE C 4 15.98 7.52 17.99
N ASP C 5 16.65 7.56 19.13
CA ASP C 5 16.27 6.68 20.23
C ASP C 5 14.92 7.11 20.81
N TYR C 6 14.67 8.42 20.80
CA TYR C 6 13.41 8.94 21.30
C TYR C 6 12.27 8.49 20.39
N ALA C 7 12.44 8.73 19.09
CA ALA C 7 11.43 8.35 18.10
C ALA C 7 11.11 6.87 18.15
N ILE C 8 12.14 6.03 18.24
CA ILE C 8 11.94 4.59 18.30
C ILE C 8 11.19 4.17 19.54
N GLU C 9 11.59 4.72 20.69
CA GLU C 9 10.93 4.37 21.93
C GLU C 9 9.48 4.82 21.87
N TYR C 10 9.26 6.02 21.33
CA TYR C 10 7.92 6.57 21.22
C TYR C 10 7.04 5.70 20.32
N SER C 11 7.60 5.24 19.22
CA SER C 11 6.87 4.41 18.26
C SER C 11 6.46 3.07 18.89
N GLU C 12 7.41 2.44 19.58
CA GLU C 12 7.14 1.15 20.21
C GLU C 12 6.14 1.21 21.35
N LYS C 13 5.90 2.41 21.87
CA LYS C 13 4.94 2.56 22.96
C LYS C 13 3.55 3.03 22.52
N TYR C 14 3.49 3.99 21.60
CA TYR C 14 2.19 4.52 21.18
C TYR C 14 1.58 4.08 19.85
N ALA C 15 2.36 3.41 19.00
CA ALA C 15 1.82 2.98 17.73
C ALA C 15 0.76 1.90 17.96
N PRO C 16 -0.23 1.80 17.05
CA PRO C 16 -1.28 0.80 17.18
C PRO C 16 -0.69 -0.60 17.34
N LEU C 17 0.37 -0.87 16.58
CA LEU C 17 1.05 -2.17 16.65
C LEU C 17 2.36 -2.03 17.41
N ARG C 18 2.38 -2.57 18.63
CA ARG C 18 3.58 -2.51 19.46
C ARG C 18 4.53 -3.64 19.12
N GLN C 19 5.35 -3.44 18.10
CA GLN C 19 6.32 -4.44 17.68
C GLN C 19 7.51 -3.67 17.10
N LYS C 20 8.68 -4.31 17.03
CA LYS C 20 9.86 -3.64 16.50
C LYS C 20 9.80 -3.54 14.99
N LEU C 21 9.96 -2.33 14.47
CA LEU C 21 9.93 -2.08 13.03
C LEU C 21 11.27 -2.48 12.43
N LEU C 22 11.27 -3.53 11.62
CA LEU C 22 12.50 -4.02 11.00
C LEU C 22 12.69 -3.44 9.59
N SER C 23 13.94 -3.30 9.15
CA SER C 23 14.20 -2.75 7.84
C SER C 23 13.56 -3.64 6.77
N THR C 24 13.39 -4.92 7.07
CA THR C 24 12.77 -5.83 6.12
C THR C 24 11.24 -5.64 6.05
N ASP C 25 10.66 -4.94 7.02
CA ASP C 25 9.23 -4.69 7.00
C ASP C 25 8.97 -3.67 5.90
N ILE C 26 9.92 -2.77 5.72
CA ILE C 26 9.82 -1.77 4.68
C ILE C 26 10.21 -2.46 3.37
N GLY C 27 11.12 -3.43 3.46
CA GLY C 27 11.57 -4.17 2.30
C GLY C 27 10.49 -4.96 1.58
N SER C 28 9.69 -5.70 2.34
CA SER C 28 8.63 -6.50 1.73
C SER C 28 7.60 -5.58 1.09
N VAL C 29 7.34 -4.44 1.70
CA VAL C 29 6.39 -3.50 1.13
C VAL C 29 6.96 -2.91 -0.16
N ALA C 30 8.26 -2.61 -0.14
CA ALA C 30 8.94 -2.06 -1.31
C ALA C 30 8.83 -3.11 -2.42
N SER C 31 9.10 -4.35 -2.04
CA SER C 31 9.06 -5.48 -2.96
C SER C 31 7.71 -5.56 -3.66
N PHE C 32 6.63 -5.40 -2.91
CA PHE C 32 5.29 -5.44 -3.47
C PHE C 32 5.02 -4.28 -4.45
N LEU C 33 5.40 -3.06 -4.06
CA LEU C 33 5.20 -1.88 -4.90
C LEU C 33 6.05 -1.92 -6.18
N LEU C 34 7.16 -2.65 -6.14
CA LEU C 34 8.03 -2.73 -7.30
C LEU C 34 7.59 -3.84 -8.27
N SER C 35 6.76 -4.77 -7.80
CA SER C 35 6.30 -5.88 -8.63
C SER C 35 5.03 -5.47 -9.38
N ARG C 36 4.58 -6.33 -10.29
CA ARG C 36 3.37 -6.05 -11.06
C ARG C 36 2.10 -6.32 -10.26
N GLU C 37 2.26 -6.78 -9.04
CA GLU C 37 1.12 -7.05 -8.17
C GLU C 37 0.43 -5.74 -7.86
N SER C 38 1.17 -4.64 -7.97
CA SER C 38 0.63 -3.32 -7.65
C SER C 38 0.49 -2.41 -8.86
N ARG C 39 0.19 -3.01 -10.02
CA ARG C 39 0.06 -2.26 -11.27
C ARG C 39 -0.92 -1.09 -11.25
N ALA C 40 -1.86 -1.08 -10.30
CA ALA C 40 -2.84 0.00 -10.24
C ALA C 40 -2.55 1.07 -9.20
N ILE C 41 -1.37 1.01 -8.59
CA ILE C 41 -1.00 2.00 -7.58
C ILE C 41 0.15 2.88 -8.05
N THR C 42 -0.07 4.19 -8.03
CA THR C 42 0.99 5.10 -8.44
C THR C 42 0.81 6.50 -7.89
N GLY C 43 1.92 7.20 -7.70
CA GLY C 43 1.88 8.55 -7.17
C GLY C 43 1.41 8.60 -5.73
N GLN C 44 1.56 7.48 -5.02
CA GLN C 44 1.12 7.40 -3.63
C GLN C 44 2.21 7.40 -2.57
N THR C 45 1.83 7.83 -1.37
CA THR C 45 2.73 7.83 -0.23
C THR C 45 2.10 6.76 0.65
N ILE C 46 2.77 5.62 0.78
CA ILE C 46 2.27 4.52 1.59
C ILE C 46 2.99 4.53 2.93
N TYR C 47 2.23 4.52 4.03
CA TYR C 47 2.85 4.52 5.35
C TYR C 47 3.13 3.10 5.84
N VAL C 48 4.36 2.88 6.28
CA VAL C 48 4.78 1.59 6.83
C VAL C 48 5.47 1.99 8.13
N ASP C 49 4.66 2.22 9.16
CA ASP C 49 5.13 2.69 10.46
C ASP C 49 4.32 2.09 11.62
N ASN C 50 3.85 0.86 11.46
CA ASN C 50 3.04 0.22 12.50
C ASN C 50 1.79 1.07 12.84
N GLY C 51 1.45 1.99 11.94
CA GLY C 51 0.29 2.84 12.12
C GLY C 51 0.45 4.08 13.00
N LEU C 52 1.67 4.39 13.43
CA LEU C 52 1.88 5.55 14.28
C LEU C 52 1.22 6.81 13.74
N ASN C 53 1.32 7.02 12.43
CA ASN C 53 0.79 8.21 11.80
C ASN C 53 -0.69 8.51 12.04
N ILE C 54 -1.47 7.51 12.45
CA ILE C 54 -2.90 7.76 12.67
C ILE C 54 -3.24 8.28 14.07
N MET C 55 -2.26 8.29 14.96
CA MET C 55 -2.50 8.76 16.33
C MET C 55 -2.42 10.27 16.47
N PHE C 56 -3.18 10.79 17.41
CA PHE C 56 -3.18 12.23 17.71
C PHE C 56 -2.70 12.38 19.14
N LEU C 57 -3.53 11.92 20.07
CA LEU C 57 -3.21 12.00 21.48
C LEU C 57 -2.80 10.63 22.01
N PRO C 58 -1.57 10.53 22.54
CA PRO C 58 -1.07 9.27 23.08
C PRO C 58 -1.78 8.91 24.39
N ASP C 59 -1.78 7.63 24.74
CA ASP C 59 -2.41 7.15 25.96
C ASP C 59 -1.82 7.85 27.18
N ASP C 60 -0.50 7.74 27.34
CA ASP C 60 0.21 8.36 28.46
C ASP C 60 0.26 9.88 28.29
N TYR D 1 -25.48 9.49 -18.84
CA TYR D 1 -25.64 8.09 -19.21
C TYR D 1 -25.10 7.16 -18.13
N THR D 2 -25.81 7.10 -17.00
CA THR D 2 -25.42 6.27 -15.86
C THR D 2 -24.10 6.75 -15.27
N PHE D 3 -24.10 6.89 -13.96
CA PHE D 3 -22.95 7.35 -13.21
C PHE D 3 -21.66 6.56 -13.44
N ILE D 4 -21.76 5.23 -13.40
CA ILE D 4 -20.59 4.38 -13.56
C ILE D 4 -19.85 4.48 -14.89
N ASP D 5 -20.57 4.58 -16.00
CA ASP D 5 -19.92 4.69 -17.30
C ASP D 5 -19.10 5.97 -17.38
N TYR D 6 -19.62 7.05 -16.81
CA TYR D 6 -18.92 8.33 -16.81
C TYR D 6 -17.64 8.19 -15.98
N ALA D 7 -17.78 7.67 -14.77
CA ALA D 7 -16.64 7.46 -13.89
C ALA D 7 -15.54 6.62 -14.55
N ILE D 8 -15.93 5.54 -15.21
CA ILE D 8 -14.96 4.66 -15.87
C ILE D 8 -14.27 5.40 -17.02
N GLU D 9 -15.07 6.05 -17.86
CA GLU D 9 -14.53 6.78 -18.99
C GLU D 9 -13.57 7.90 -18.57
N TYR D 10 -13.95 8.62 -17.52
CA TYR D 10 -13.14 9.71 -17.03
C TYR D 10 -11.82 9.19 -16.46
N SER D 11 -11.87 8.03 -15.81
CA SER D 11 -10.69 7.43 -15.22
C SER D 11 -9.71 6.95 -16.29
N GLU D 12 -10.24 6.35 -17.35
CA GLU D 12 -9.40 5.83 -18.42
C GLU D 12 -8.80 6.91 -19.32
N LYS D 13 -9.31 8.14 -19.22
CA LYS D 13 -8.75 9.21 -20.04
C LYS D 13 -7.82 10.13 -19.27
N TYR D 14 -8.10 10.33 -17.98
CA TYR D 14 -7.31 11.25 -17.19
C TYR D 14 -6.37 10.69 -16.14
N ALA D 15 -6.52 9.42 -15.80
CA ALA D 15 -5.66 8.83 -14.78
C ALA D 15 -4.21 8.82 -15.29
N PRO D 16 -3.24 8.83 -14.37
CA PRO D 16 -1.83 8.80 -14.77
C PRO D 16 -1.54 7.53 -15.57
N LEU D 17 -2.21 6.46 -15.17
CA LEU D 17 -2.08 5.16 -15.82
C LEU D 17 -3.34 4.91 -16.65
N ARG D 18 -3.23 5.00 -17.97
CA ARG D 18 -4.37 4.77 -18.85
C ARG D 18 -4.49 3.30 -19.21
N GLN D 19 -5.21 2.57 -18.38
CA GLN D 19 -5.42 1.16 -18.60
C GLN D 19 -6.72 0.83 -17.88
N LYS D 20 -7.38 -0.25 -18.26
CA LYS D 20 -8.63 -0.59 -17.61
C LYS D 20 -8.35 -1.13 -16.22
N LEU D 21 -9.14 -0.69 -15.25
CA LEU D 21 -8.98 -1.14 -13.87
C LEU D 21 -9.78 -2.43 -13.73
N LEU D 22 -9.08 -3.52 -13.43
CA LEU D 22 -9.70 -4.83 -13.27
C LEU D 22 -9.98 -5.15 -11.81
N SER D 23 -10.97 -5.99 -11.58
CA SER D 23 -11.33 -6.36 -10.22
C SER D 23 -10.17 -7.08 -9.58
N THR D 24 -9.39 -7.80 -10.37
CA THR D 24 -8.23 -8.50 -9.84
C THR D 24 -7.06 -7.55 -9.53
N ASP D 25 -7.15 -6.30 -9.99
CA ASP D 25 -6.10 -5.32 -9.70
C ASP D 25 -6.24 -4.97 -8.22
N ILE D 26 -7.48 -4.90 -7.76
CA ILE D 26 -7.76 -4.60 -6.37
C ILE D 26 -7.49 -5.89 -5.58
N GLY D 27 -7.85 -7.02 -6.19
CA GLY D 27 -7.67 -8.30 -5.54
C GLY D 27 -6.23 -8.56 -5.12
N SER D 28 -5.28 -8.34 -6.02
CA SER D 28 -3.88 -8.59 -5.68
C SER D 28 -3.42 -7.66 -4.57
N VAL D 29 -3.83 -6.39 -4.62
CA VAL D 29 -3.45 -5.46 -3.57
C VAL D 29 -4.12 -5.92 -2.27
N ALA D 30 -5.34 -6.43 -2.37
CA ALA D 30 -6.07 -6.93 -1.21
C ALA D 30 -5.34 -8.13 -0.64
N SER D 31 -4.82 -8.95 -1.55
CA SER D 31 -4.09 -10.16 -1.17
C SER D 31 -2.83 -9.80 -0.38
N PHE D 32 -2.16 -8.73 -0.80
CA PHE D 32 -0.94 -8.27 -0.14
C PHE D 32 -1.21 -7.71 1.27
N LEU D 33 -2.28 -6.94 1.42
CA LEU D 33 -2.61 -6.35 2.72
C LEU D 33 -3.07 -7.41 3.73
N LEU D 34 -3.66 -8.50 3.25
CA LEU D 34 -4.12 -9.58 4.13
C LEU D 34 -3.02 -10.54 4.58
N SER D 35 -1.87 -10.53 3.88
CA SER D 35 -0.76 -11.41 4.21
C SER D 35 0.19 -10.77 5.21
N ARG D 36 1.12 -11.56 5.75
CA ARG D 36 2.08 -11.04 6.72
C ARG D 36 3.13 -10.16 6.07
N GLU D 37 3.13 -10.08 4.75
CA GLU D 37 4.08 -9.25 4.04
C GLU D 37 3.86 -7.76 4.36
N SER D 38 2.70 -7.44 4.92
CA SER D 38 2.39 -6.06 5.26
C SER D 38 2.13 -5.90 6.76
N ARG D 39 2.89 -6.63 7.56
CA ARG D 39 2.75 -6.61 9.02
C ARG D 39 2.89 -5.23 9.65
N ALA D 40 3.51 -4.29 8.93
CA ALA D 40 3.72 -2.94 9.46
C ALA D 40 2.72 -1.88 8.99
N ILE D 41 1.72 -2.29 8.22
CA ILE D 41 0.73 -1.35 7.71
C ILE D 41 -0.64 -1.57 8.36
N THR D 42 -1.20 -0.51 8.95
CA THR D 42 -2.50 -0.63 9.58
C THR D 42 -3.16 0.74 9.72
N GLY D 43 -4.49 0.76 9.64
CA GLY D 43 -5.24 2.00 9.78
C GLY D 43 -5.18 2.90 8.55
N GLN D 44 -4.60 2.38 7.47
CA GLN D 44 -4.45 3.14 6.25
C GLN D 44 -5.54 2.99 5.21
N THR D 45 -5.61 3.98 4.34
CA THR D 45 -6.55 4.00 3.22
C THR D 45 -5.60 3.93 2.03
N ILE D 46 -5.56 2.79 1.36
CA ILE D 46 -4.68 2.61 0.21
C ILE D 46 -5.47 2.79 -1.08
N TYR D 47 -5.00 3.70 -1.92
CA TYR D 47 -5.63 3.99 -3.20
C TYR D 47 -5.16 3.07 -4.32
N VAL D 48 -6.11 2.36 -4.93
CA VAL D 48 -5.84 1.44 -6.05
C VAL D 48 -6.81 1.95 -7.13
N ASP D 49 -6.40 3.01 -7.82
CA ASP D 49 -7.24 3.66 -8.81
C ASP D 49 -6.45 4.19 -10.00
N ASN D 50 -5.32 3.55 -10.29
CA ASN D 50 -4.46 3.98 -11.38
C ASN D 50 -3.96 5.41 -11.19
N GLY D 51 -4.06 5.90 -9.95
CA GLY D 51 -3.59 7.23 -9.62
C GLY D 51 -4.52 8.39 -9.90
N LEU D 52 -5.78 8.11 -10.21
CA LEU D 52 -6.72 9.20 -10.50
C LEU D 52 -6.78 10.25 -9.38
N ASN D 53 -6.84 9.78 -8.14
CA ASN D 53 -6.94 10.67 -6.99
C ASN D 53 -5.90 11.79 -6.90
N ILE D 54 -4.72 11.59 -7.47
CA ILE D 54 -3.68 12.61 -7.40
C ILE D 54 -3.88 13.77 -8.37
N MET D 55 -4.81 13.61 -9.31
CA MET D 55 -5.06 14.68 -10.29
C MET D 55 -6.01 15.76 -9.76
N PHE D 56 -5.78 17.00 -10.17
CA PHE D 56 -6.63 18.12 -9.78
C PHE D 56 -7.31 18.66 -11.02
N LEU D 57 -6.52 19.08 -11.99
CA LEU D 57 -7.06 19.60 -13.24
C LEU D 57 -6.81 18.63 -14.38
N PRO D 58 -7.87 18.27 -15.11
CA PRO D 58 -7.73 17.35 -16.24
C PRO D 58 -7.04 18.06 -17.41
N ASP D 59 -6.34 17.29 -18.23
CA ASP D 59 -5.65 17.85 -19.39
C ASP D 59 -6.56 18.72 -20.25
N ASP D 60 -7.30 18.07 -21.16
CA ASP D 60 -8.21 18.80 -22.05
C ASP D 60 -9.48 19.19 -21.31
#